data_3CRZ
#
_entry.id   3CRZ
#
_cell.length_a   67.140
_cell.length_b   73.490
_cell.length_c   51.540
_cell.angle_alpha   90.000
_cell.angle_beta   90.000
_cell.angle_gamma   90.000
#
_symmetry.space_group_name_H-M   'P 21 21 2'
#
loop_
_entity.id
_entity.type
_entity.pdbx_description
1 polymer 'Ferredoxin--NADP+ reductase'
2 non-polymer 'NADP NICOTINAMIDE-ADENINE-DINUCLEOTIDE PHOSPHATE'
3 non-polymer 'FLAVIN-ADENINE DINUCLEOTIDE'
4 water water
#
_entity_poly.entity_id   1
_entity_poly.type   'polypeptide(L)'
_entity_poly.pdbx_seq_one_letter_code
;SNLYTERVLSVHHWNDTLFSFKTTRNPGLRFKTGQFVMIGLEVDGRPLMRAYSIASPNYEEHLEFFSIKVPDGPLTSRLQ
HLKEGDELMVSRKPTGTLVHDDLLPGKHLYLLSTGTGMAPFLSVIQDPETYERYEKVILVHGVRWVSELAYADFITKVLP
EHEYFGDQVKEKLIYYPLVTREPFRNQGRQTDLMRSGKLFEDIGLPPMNPQDDRAMICGSPSMLEETSAVLDSFGLKISP
RMGEPGDYLIERAFVEK
;
_entity_poly.pdbx_strand_id   A
#
loop_
_chem_comp.id
_chem_comp.type
_chem_comp.name
_chem_comp.formula
FAD non-polymer 'FLAVIN-ADENINE DINUCLEOTIDE' 'C27 H33 N9 O15 P2'
NAP non-polymer 'NADP NICOTINAMIDE-ADENINE-DINUCLEOTIDE PHOSPHATE' 'C21 H28 N7 O17 P3'
#
# COMPACT_ATOMS: atom_id res chain seq x y z
N SER A 1 29.66 -0.31 0.64
CA SER A 1 28.31 0.20 0.24
C SER A 1 27.54 0.62 1.47
N ASN A 2 26.81 1.73 1.35
CA ASN A 2 26.05 2.24 2.47
C ASN A 2 24.61 1.72 2.45
N LEU A 3 24.48 0.42 2.27
CA LEU A 3 23.18 -0.23 2.23
C LEU A 3 23.07 -1.18 3.41
N TYR A 4 21.86 -1.35 3.92
CA TYR A 4 21.67 -2.29 4.99
C TYR A 4 21.56 -3.64 4.35
N THR A 5 22.01 -4.65 5.08
CA THR A 5 21.84 -6.00 4.61
C THR A 5 20.97 -6.63 5.67
N GLU A 6 19.72 -6.84 5.31
CA GLU A 6 18.77 -7.44 6.23
C GLU A 6 18.68 -8.89 5.90
N ARG A 7 18.05 -9.61 6.80
CA ARG A 7 17.90 -11.04 6.70
C ARG A 7 16.42 -11.38 6.63
N VAL A 8 16.05 -12.24 5.69
CA VAL A 8 14.67 -12.65 5.51
C VAL A 8 14.20 -13.52 6.67
N LEU A 9 13.08 -13.13 7.23
CA LEU A 9 12.51 -13.83 8.37
C LEU A 9 11.43 -14.81 7.97
N SER A 10 10.64 -14.45 6.97
CA SER A 10 9.54 -15.30 6.56
C SER A 10 9.19 -14.88 5.16
N VAL A 11 8.52 -15.77 4.45
CA VAL A 11 8.14 -15.47 3.09
C VAL A 11 6.80 -16.13 2.89
N HIS A 12 5.92 -15.45 2.18
CA HIS A 12 4.63 -16.04 1.92
C HIS A 12 4.21 -15.72 0.51
N HIS A 13 3.96 -16.76 -0.28
CA HIS A 13 3.53 -16.51 -1.64
C HIS A 13 2.02 -16.46 -1.67
N TRP A 14 1.46 -15.42 -2.28
CA TRP A 14 0.01 -15.29 -2.35
C TRP A 14 -0.51 -16.05 -3.54
N ASN A 15 0.21 -15.93 -4.64
CA ASN A 15 -0.18 -16.63 -5.86
C ASN A 15 1.01 -16.58 -6.80
N ASP A 16 0.79 -16.89 -8.07
CA ASP A 16 1.87 -16.91 -9.06
C ASP A 16 2.61 -15.62 -9.32
N THR A 17 2.01 -14.47 -8.98
CA THR A 17 2.66 -13.21 -9.26
C THR A 17 2.83 -12.33 -8.03
N LEU A 18 2.47 -12.85 -6.87
CA LEU A 18 2.57 -12.06 -5.65
C LEU A 18 3.10 -12.85 -4.48
N PHE A 19 3.95 -12.21 -3.68
CA PHE A 19 4.46 -12.84 -2.50
C PHE A 19 4.92 -11.72 -1.60
N SER A 20 5.08 -12.02 -0.32
CA SER A 20 5.50 -11.04 0.64
C SER A 20 6.57 -11.68 1.47
N PHE A 21 7.35 -10.86 2.14
CA PHE A 21 8.34 -11.41 3.00
C PHE A 21 8.65 -10.38 4.05
N LYS A 22 9.14 -10.87 5.17
CA LYS A 22 9.51 -9.98 6.24
C LYS A 22 11.01 -10.16 6.40
N THR A 23 11.68 -9.09 6.81
CA THR A 23 13.10 -9.15 7.00
C THR A 23 13.38 -8.47 8.30
N THR A 24 14.64 -8.55 8.73
CA THR A 24 15.04 -7.88 9.93
C THR A 24 14.98 -6.41 9.52
N ARG A 25 15.10 -5.54 10.49
CA ARG A 25 15.07 -4.12 10.22
C ARG A 25 16.11 -3.46 11.08
N ASN A 26 17.01 -2.73 10.44
CA ASN A 26 18.05 -2.02 11.17
C ASN A 26 17.41 -0.85 11.94
N PRO A 27 17.74 -0.72 13.24
CA PRO A 27 17.16 0.38 14.00
C PRO A 27 17.40 1.73 13.35
N GLY A 28 18.43 1.82 12.52
CA GLY A 28 18.70 3.08 11.85
C GLY A 28 17.73 3.37 10.72
N LEU A 29 16.98 2.36 10.29
CA LEU A 29 16.03 2.57 9.21
C LEU A 29 14.73 3.14 9.74
N ARG A 30 14.60 4.45 9.68
CA ARG A 30 13.38 5.08 10.16
C ARG A 30 12.56 5.45 8.95
N PHE A 31 11.24 5.38 9.08
CA PHE A 31 10.45 5.77 7.95
C PHE A 31 9.08 6.22 8.42
N LYS A 32 8.44 7.02 7.57
CA LYS A 32 7.10 7.46 7.89
C LYS A 32 6.21 6.49 7.16
N THR A 33 5.08 6.18 7.78
CA THR A 33 4.12 5.29 7.19
C THR A 33 3.82 5.77 5.77
N GLY A 34 3.87 4.83 4.84
CA GLY A 34 3.57 5.14 3.47
C GLY A 34 4.82 5.20 2.63
N GLN A 35 5.97 5.35 3.26
CA GLN A 35 7.18 5.44 2.49
C GLN A 35 7.70 4.15 1.89
N PHE A 36 8.57 4.32 0.90
CA PHE A 36 9.18 3.19 0.23
C PHE A 36 10.70 3.32 0.39
N VAL A 37 11.37 2.24 0.12
CA VAL A 37 12.81 2.27 0.24
C VAL A 37 13.34 1.41 -0.91
N MET A 38 14.64 1.51 -1.20
CA MET A 38 15.20 0.65 -2.24
C MET A 38 15.62 -0.67 -1.59
N ILE A 39 15.24 -1.78 -2.20
CA ILE A 39 15.66 -3.07 -1.69
C ILE A 39 16.15 -3.83 -2.91
N GLY A 40 16.91 -4.86 -2.67
CA GLY A 40 17.41 -5.61 -3.80
C GLY A 40 18.41 -6.64 -3.40
N LEU A 41 19.05 -7.21 -4.41
CA LEU A 41 20.00 -8.28 -4.24
C LEU A 41 21.27 -8.01 -5.04
N GLU A 42 22.36 -8.55 -4.55
CA GLU A 42 23.64 -8.40 -5.22
C GLU A 42 23.56 -9.31 -6.44
N VAL A 43 23.66 -8.74 -7.63
CA VAL A 43 23.62 -9.55 -8.83
C VAL A 43 24.79 -9.17 -9.74
N ASP A 44 25.61 -10.16 -10.07
CA ASP A 44 26.77 -9.95 -10.93
C ASP A 44 27.57 -8.72 -10.50
N GLY A 45 27.94 -8.68 -9.22
CA GLY A 45 28.74 -7.57 -8.75
C GLY A 45 28.08 -6.25 -8.39
N ARG A 46 26.79 -6.08 -8.62
CA ARG A 46 26.14 -4.84 -8.25
C ARG A 46 24.78 -5.09 -7.63
N PRO A 47 24.41 -4.27 -6.64
CA PRO A 47 23.10 -4.51 -6.05
C PRO A 47 22.12 -4.22 -7.19
N LEU A 48 21.05 -5.00 -7.25
CA LEU A 48 20.01 -4.82 -8.25
C LEU A 48 18.90 -4.29 -7.34
N MET A 49 18.70 -2.97 -7.34
CA MET A 49 17.76 -2.34 -6.43
C MET A 49 16.51 -1.79 -7.06
N ARG A 50 15.40 -1.93 -6.35
CA ARG A 50 14.14 -1.45 -6.85
C ARG A 50 13.42 -0.80 -5.69
N ALA A 51 12.61 0.21 -6.01
CA ALA A 51 11.85 0.92 -5.00
C ALA A 51 10.77 -0.03 -4.52
N TYR A 52 10.62 -0.12 -3.20
CA TYR A 52 9.61 -0.98 -2.60
C TYR A 52 8.96 -0.29 -1.43
N SER A 53 7.64 -0.24 -1.42
CA SER A 53 6.93 0.37 -0.31
C SER A 53 7.13 -0.53 0.91
N ILE A 54 7.29 0.06 2.09
CA ILE A 54 7.45 -0.77 3.26
C ILE A 54 6.05 -1.10 3.71
N ALA A 55 5.72 -2.39 3.70
CA ALA A 55 4.36 -2.79 4.05
C ALA A 55 4.19 -3.03 5.53
N SER A 56 5.28 -3.03 6.28
CA SER A 56 5.19 -3.24 7.71
C SER A 56 4.97 -1.92 8.45
N PRO A 57 4.49 -2.00 9.70
CA PRO A 57 4.23 -0.81 10.52
C PRO A 57 5.57 -0.21 10.90
N ASN A 58 5.65 1.11 10.90
CA ASN A 58 6.93 1.73 11.19
C ASN A 58 7.41 1.64 12.62
N TYR A 59 6.61 1.05 13.51
CA TYR A 59 7.02 0.91 14.91
C TYR A 59 7.41 -0.54 15.21
N GLU A 60 7.39 -1.39 14.19
CA GLU A 60 7.77 -2.75 14.43
C GLU A 60 9.16 -2.96 13.88
N GLU A 61 9.99 -3.67 14.64
CA GLU A 61 11.36 -3.93 14.27
C GLU A 61 11.60 -5.00 13.27
N HIS A 62 10.94 -4.88 12.14
CA HIS A 62 11.16 -5.79 11.05
C HIS A 62 10.56 -5.04 9.88
N LEU A 63 10.86 -5.51 8.68
CA LEU A 63 10.33 -4.89 7.48
C LEU A 63 9.50 -5.95 6.80
N GLU A 64 8.47 -5.52 6.08
CA GLU A 64 7.74 -6.50 5.33
C GLU A 64 7.53 -5.86 3.99
N PHE A 65 7.59 -6.68 2.96
CA PHE A 65 7.39 -6.20 1.62
C PHE A 65 6.39 -7.08 0.94
N PHE A 66 5.55 -6.45 0.14
CA PHE A 66 4.51 -7.12 -0.62
C PHE A 66 5.03 -6.97 -2.04
N SER A 67 5.33 -8.08 -2.69
CA SER A 67 5.96 -7.98 -3.98
C SER A 67 5.35 -8.70 -5.15
N ILE A 68 5.50 -8.07 -6.32
CA ILE A 68 5.05 -8.66 -7.58
C ILE A 68 6.15 -9.69 -7.91
N LYS A 69 5.87 -10.59 -8.84
CA LYS A 69 6.86 -11.55 -9.29
C LYS A 69 6.78 -11.46 -10.79
N VAL A 70 7.68 -10.70 -11.40
CA VAL A 70 7.70 -10.53 -12.85
C VAL A 70 8.60 -11.64 -13.40
N PRO A 71 8.03 -12.56 -14.17
CA PRO A 71 8.76 -13.70 -14.77
C PRO A 71 10.23 -13.43 -15.06
N ASP A 72 10.47 -12.39 -15.85
CA ASP A 72 11.82 -12.04 -16.21
C ASP A 72 12.20 -10.67 -15.66
N GLY A 73 11.54 -10.27 -14.57
CA GLY A 73 11.89 -8.98 -13.98
C GLY A 73 13.28 -9.15 -13.43
N PRO A 74 14.20 -8.21 -13.71
CA PRO A 74 15.57 -8.35 -13.20
C PRO A 74 15.60 -8.67 -11.70
N LEU A 75 14.87 -7.90 -10.91
CA LEU A 75 14.90 -8.16 -9.49
C LEU A 75 13.98 -9.27 -9.03
N THR A 76 12.70 -9.20 -9.39
CA THR A 76 11.78 -10.20 -8.89
C THR A 76 11.90 -11.59 -9.45
N SER A 77 12.56 -11.76 -10.59
CA SER A 77 12.76 -13.09 -11.12
C SER A 77 13.63 -13.80 -10.08
N ARG A 78 14.45 -13.02 -9.38
CA ARG A 78 15.33 -13.55 -8.36
C ARG A 78 14.67 -13.46 -6.97
N LEU A 79 14.10 -12.30 -6.68
CA LEU A 79 13.47 -12.06 -5.41
C LEU A 79 12.39 -13.08 -5.08
N GLN A 80 11.68 -13.55 -6.09
CA GLN A 80 10.62 -14.51 -5.86
C GLN A 80 11.14 -15.77 -5.18
N HIS A 81 12.44 -16.00 -5.26
CA HIS A 81 13.05 -17.18 -4.65
C HIS A 81 13.52 -16.96 -3.23
N LEU A 82 13.30 -15.78 -2.69
CA LEU A 82 13.74 -15.51 -1.34
C LEU A 82 13.31 -16.59 -0.40
N LYS A 83 14.20 -16.93 0.53
CA LYS A 83 13.90 -17.91 1.54
C LYS A 83 14.41 -17.35 2.85
N GLU A 84 13.88 -17.87 3.95
CA GLU A 84 14.29 -17.43 5.26
C GLU A 84 15.81 -17.49 5.37
N GLY A 85 16.39 -16.43 5.91
CA GLY A 85 17.81 -16.40 6.06
C GLY A 85 18.50 -15.67 4.93
N ASP A 86 17.85 -15.57 3.78
CA ASP A 86 18.46 -14.86 2.64
C ASP A 86 18.74 -13.41 2.96
N GLU A 87 19.73 -12.85 2.28
CA GLU A 87 20.07 -11.46 2.46
C GLU A 87 19.27 -10.61 1.52
N LEU A 88 18.91 -9.43 2.01
CA LEU A 88 18.16 -8.48 1.22
C LEU A 88 18.84 -7.16 1.48
N MET A 89 19.21 -6.47 0.42
CA MET A 89 19.83 -5.17 0.59
C MET A 89 18.69 -4.17 0.71
N VAL A 90 18.85 -3.24 1.63
CA VAL A 90 17.86 -2.24 1.85
C VAL A 90 18.57 -0.91 1.97
N SER A 91 18.05 0.11 1.28
CA SER A 91 18.70 1.40 1.35
C SER A 91 18.41 2.05 2.70
N ARG A 92 19.22 3.03 3.05
CA ARG A 92 19.13 3.69 4.34
C ARG A 92 18.08 4.75 4.54
N LYS A 93 17.65 5.42 3.46
CA LYS A 93 16.67 6.48 3.65
C LYS A 93 15.37 6.33 2.87
N PRO A 94 14.28 6.00 3.57
CA PRO A 94 13.01 5.86 2.87
C PRO A 94 12.55 7.20 2.32
N THR A 95 11.54 7.17 1.48
CA THR A 95 11.05 8.42 0.97
C THR A 95 9.70 8.12 0.37
N GLY A 96 9.05 9.12 -0.19
CA GLY A 96 7.76 8.90 -0.82
C GLY A 96 6.80 9.96 -0.36
N THR A 97 5.72 10.13 -1.11
CA THR A 97 4.74 11.16 -0.77
C THR A 97 3.54 10.66 0.02
N LEU A 98 3.36 9.34 0.11
CA LEU A 98 2.21 8.79 0.78
C LEU A 98 2.35 8.84 2.30
N VAL A 99 2.46 10.04 2.83
CA VAL A 99 2.61 10.18 4.27
C VAL A 99 1.48 10.96 4.88
N HIS A 100 1.12 10.62 6.12
CA HIS A 100 0.03 11.29 6.79
C HIS A 100 0.14 12.79 6.86
N ASP A 101 1.34 13.27 7.13
CA ASP A 101 1.55 14.71 7.27
C ASP A 101 1.14 15.53 6.08
N ASP A 102 1.10 14.92 4.90
CA ASP A 102 0.74 15.69 3.73
C ASP A 102 -0.71 15.60 3.31
N LEU A 103 -1.54 15.15 4.24
CA LEU A 103 -2.97 15.11 3.98
C LEU A 103 -3.55 16.06 5.00
N LEU A 104 -4.35 17.00 4.51
CA LEU A 104 -5.01 17.94 5.38
C LEU A 104 -5.95 17.14 6.27
N PRO A 105 -6.29 17.69 7.46
CA PRO A 105 -7.20 17.02 8.37
C PRO A 105 -8.46 16.69 7.57
N GLY A 106 -9.04 15.54 7.86
CA GLY A 106 -10.23 15.14 7.13
C GLY A 106 -10.92 14.10 7.96
N LYS A 107 -11.98 13.51 7.44
CA LYS A 107 -12.72 12.51 8.21
C LYS A 107 -12.50 11.10 7.74
N HIS A 108 -12.33 10.96 6.42
CA HIS A 108 -12.17 9.65 5.82
C HIS A 108 -10.86 9.57 5.07
N LEU A 109 -10.19 8.44 5.19
CA LEU A 109 -8.96 8.25 4.45
C LEU A 109 -9.20 7.10 3.50
N TYR A 110 -9.26 7.42 2.22
CA TYR A 110 -9.40 6.40 1.20
C TYR A 110 -8.01 5.98 0.76
N LEU A 111 -7.76 4.68 0.76
CA LEU A 111 -6.47 4.12 0.34
C LEU A 111 -6.86 3.38 -0.92
N LEU A 112 -6.64 4.07 -2.03
CA LEU A 112 -7.03 3.56 -3.31
C LEU A 112 -5.85 2.91 -3.98
N SER A 113 -5.94 1.61 -4.11
CA SER A 113 -4.85 0.85 -4.68
C SER A 113 -5.27 -0.23 -5.64
N THR A 114 -4.28 -0.67 -6.40
CA THR A 114 -4.44 -1.77 -7.32
C THR A 114 -3.16 -2.55 -7.16
N GLY A 115 -3.27 -3.87 -7.34
CA GLY A 115 -2.12 -4.74 -7.25
C GLY A 115 -1.27 -4.55 -6.02
N THR A 116 0.03 -4.46 -6.24
CA THR A 116 0.95 -4.30 -5.14
C THR A 116 0.88 -2.93 -4.54
N GLY A 117 0.12 -2.04 -5.21
CA GLY A 117 -0.04 -0.68 -4.72
C GLY A 117 -0.62 -0.65 -3.32
N MET A 118 -1.17 -1.77 -2.87
CA MET A 118 -1.72 -1.84 -1.53
C MET A 118 -0.59 -1.90 -0.49
N ALA A 119 0.62 -2.20 -0.94
CA ALA A 119 1.75 -2.33 -0.04
C ALA A 119 1.90 -1.17 0.98
N PRO A 120 2.06 0.08 0.52
CA PRO A 120 2.20 1.10 1.55
C PRO A 120 0.98 1.20 2.46
N PHE A 121 -0.18 0.82 1.93
CA PHE A 121 -1.40 0.89 2.70
C PHE A 121 -1.50 -0.18 3.77
N LEU A 122 -0.71 -1.23 3.61
CA LEU A 122 -0.69 -2.24 4.65
C LEU A 122 -0.07 -1.57 5.88
N SER A 123 0.90 -0.70 5.63
CA SER A 123 1.56 0.01 6.73
C SER A 123 0.55 1.00 7.30
N VAL A 124 -0.12 1.72 6.42
CA VAL A 124 -1.10 2.70 6.85
C VAL A 124 -2.18 2.08 7.73
N ILE A 125 -2.74 0.94 7.34
CA ILE A 125 -3.80 0.39 8.17
C ILE A 125 -3.33 -0.20 9.48
N GLN A 126 -2.02 -0.27 9.67
CA GLN A 126 -1.46 -0.79 10.91
C GLN A 126 -0.83 0.37 11.68
N ASP A 127 -1.06 1.59 11.21
CA ASP A 127 -0.50 2.76 11.85
C ASP A 127 -1.54 3.42 12.76
N PRO A 128 -1.30 3.40 14.08
CA PRO A 128 -2.26 4.01 15.00
C PRO A 128 -2.55 5.45 14.60
N GLU A 129 -1.59 6.13 13.97
CA GLU A 129 -1.85 7.51 13.61
C GLU A 129 -2.97 7.64 12.59
N THR A 130 -3.11 6.60 11.76
CA THR A 130 -4.17 6.59 10.76
C THR A 130 -5.51 6.65 11.49
N TYR A 131 -5.66 5.86 12.54
CA TYR A 131 -6.92 5.85 13.28
C TYR A 131 -7.13 7.05 14.16
N GLU A 132 -6.03 7.69 14.53
CA GLU A 132 -6.12 8.89 15.35
C GLU A 132 -6.64 10.01 14.47
N ARG A 133 -6.29 9.98 13.19
CA ARG A 133 -6.66 11.05 12.30
C ARG A 133 -7.97 10.92 11.56
N TYR A 134 -8.52 9.73 11.48
CA TYR A 134 -9.74 9.54 10.71
C TYR A 134 -10.85 8.77 11.37
N GLU A 135 -12.07 9.04 10.93
CA GLU A 135 -13.24 8.36 11.44
C GLU A 135 -13.41 7.06 10.68
N LYS A 136 -12.99 7.10 9.40
CA LYS A 136 -13.08 5.93 8.57
C LYS A 136 -11.83 5.85 7.70
N VAL A 137 -11.38 4.64 7.47
CA VAL A 137 -10.22 4.42 6.63
C VAL A 137 -10.70 3.38 5.66
N ILE A 138 -10.64 3.69 4.37
CA ILE A 138 -11.17 2.75 3.39
C ILE A 138 -10.06 2.21 2.53
N LEU A 139 -9.81 0.92 2.66
CA LEU A 139 -8.76 0.33 1.88
C LEU A 139 -9.40 -0.31 0.66
N VAL A 140 -9.20 0.29 -0.50
CA VAL A 140 -9.73 -0.28 -1.71
C VAL A 140 -8.57 -1.01 -2.35
N HIS A 141 -8.77 -2.28 -2.68
CA HIS A 141 -7.70 -2.98 -3.33
C HIS A 141 -8.27 -3.62 -4.57
N GLY A 142 -7.94 -3.02 -5.70
CA GLY A 142 -8.43 -3.52 -6.98
C GLY A 142 -7.45 -4.45 -7.64
N VAL A 143 -7.92 -5.63 -7.98
CA VAL A 143 -7.08 -6.62 -8.65
C VAL A 143 -7.87 -7.26 -9.76
N ARG A 144 -7.15 -7.96 -10.62
CA ARG A 144 -7.75 -8.64 -11.75
C ARG A 144 -8.40 -9.95 -11.30
N TRP A 145 -7.66 -10.70 -10.49
CA TRP A 145 -8.11 -12.02 -10.04
C TRP A 145 -8.26 -12.09 -8.53
N VAL A 146 -9.20 -12.91 -8.07
CA VAL A 146 -9.43 -13.04 -6.65
C VAL A 146 -8.17 -13.46 -5.91
N SER A 147 -7.36 -14.33 -6.53
CA SER A 147 -6.12 -14.78 -5.89
C SER A 147 -5.14 -13.64 -5.59
N GLU A 148 -5.32 -12.49 -6.24
CA GLU A 148 -4.44 -11.35 -6.05
C GLU A 148 -4.81 -10.48 -4.86
N LEU A 149 -5.92 -10.84 -4.21
CA LEU A 149 -6.37 -10.11 -3.03
C LEU A 149 -5.53 -10.62 -1.89
N ALA A 150 -4.26 -10.27 -1.94
CA ALA A 150 -3.31 -10.68 -0.91
C ALA A 150 -3.73 -10.00 0.39
N TYR A 151 -3.35 -10.63 1.50
CA TYR A 151 -3.59 -10.13 2.86
C TYR A 151 -5.04 -10.10 3.29
N ALA A 152 -5.91 -10.74 2.52
CA ALA A 152 -7.33 -10.76 2.85
C ALA A 152 -7.57 -11.16 4.30
N ASP A 153 -7.02 -12.31 4.70
CA ASP A 153 -7.20 -12.79 6.05
C ASP A 153 -6.60 -11.82 7.06
N PHE A 154 -5.40 -11.33 6.77
CA PHE A 154 -4.78 -10.41 7.68
C PHE A 154 -5.69 -9.18 7.86
N ILE A 155 -6.16 -8.62 6.75
CA ILE A 155 -6.98 -7.42 6.83
C ILE A 155 -8.32 -7.59 7.51
N THR A 156 -9.00 -8.68 7.21
CA THR A 156 -10.34 -8.92 7.73
C THR A 156 -10.44 -9.68 9.02
N LYS A 157 -9.42 -10.46 9.36
CA LYS A 157 -9.50 -11.26 10.57
C LYS A 157 -8.43 -11.01 11.60
N VAL A 158 -7.20 -10.83 11.15
CA VAL A 158 -6.12 -10.60 12.10
C VAL A 158 -6.07 -9.17 12.62
N LEU A 159 -5.97 -8.22 11.72
CA LEU A 159 -5.88 -6.80 12.08
C LEU A 159 -6.98 -6.32 13.04
N PRO A 160 -8.24 -6.74 12.83
CA PRO A 160 -9.36 -6.33 13.70
C PRO A 160 -9.21 -6.84 15.14
N GLU A 161 -8.35 -7.83 15.33
CA GLU A 161 -8.12 -8.43 16.65
C GLU A 161 -6.85 -7.87 17.26
N HIS A 162 -6.24 -6.93 16.55
CA HIS A 162 -5.01 -6.35 17.04
C HIS A 162 -5.18 -5.97 18.49
N GLU A 163 -4.27 -6.47 19.31
CA GLU A 163 -4.29 -6.25 20.75
C GLU A 163 -4.38 -4.78 21.18
N TYR A 164 -3.86 -3.87 20.36
CA TYR A 164 -3.86 -2.47 20.75
C TYR A 164 -4.80 -1.53 20.03
N PHE A 165 -5.07 -1.77 18.76
CA PHE A 165 -5.98 -0.88 18.05
C PHE A 165 -6.92 -1.65 17.15
N GLY A 166 -7.14 -2.92 17.50
CA GLY A 166 -8.06 -3.74 16.73
C GLY A 166 -9.45 -3.15 16.82
N ASP A 167 -9.78 -2.52 17.95
CA ASP A 167 -11.10 -1.93 18.12
C ASP A 167 -11.22 -0.76 17.15
N GLN A 168 -10.14 0.01 17.02
CA GLN A 168 -10.14 1.12 16.10
C GLN A 168 -10.32 0.56 14.69
N VAL A 169 -9.63 -0.55 14.40
CA VAL A 169 -9.76 -1.20 13.11
C VAL A 169 -11.21 -1.64 12.89
N LYS A 170 -11.79 -2.33 13.86
CA LYS A 170 -13.16 -2.80 13.71
C LYS A 170 -14.10 -1.63 13.44
N GLU A 171 -13.91 -0.56 14.17
CA GLU A 171 -14.76 0.60 14.02
C GLU A 171 -14.52 1.46 12.78
N LYS A 172 -13.26 1.57 12.35
CA LYS A 172 -12.93 2.49 11.25
C LYS A 172 -12.49 1.94 9.91
N LEU A 173 -11.90 0.76 9.93
CA LEU A 173 -11.40 0.19 8.71
C LEU A 173 -12.43 -0.52 7.87
N ILE A 174 -12.60 -0.03 6.65
CA ILE A 174 -13.50 -0.63 5.70
C ILE A 174 -12.55 -1.22 4.66
N TYR A 175 -12.72 -2.49 4.34
CA TYR A 175 -11.87 -3.13 3.35
C TYR A 175 -12.76 -3.35 2.15
N TYR A 176 -12.37 -2.82 1.00
CA TYR A 176 -13.17 -2.95 -0.19
C TYR A 176 -12.35 -3.57 -1.29
N PRO A 177 -12.21 -4.89 -1.27
CA PRO A 177 -11.44 -5.53 -2.33
C PRO A 177 -12.28 -5.44 -3.58
N LEU A 178 -11.62 -5.35 -4.72
CA LEU A 178 -12.29 -5.26 -6.00
C LEU A 178 -11.61 -6.22 -6.94
N VAL A 179 -12.41 -6.98 -7.68
CA VAL A 179 -11.85 -7.90 -8.65
C VAL A 179 -12.53 -7.58 -9.96
N THR A 180 -11.77 -7.56 -11.04
CA THR A 180 -12.39 -7.20 -12.30
C THR A 180 -12.60 -8.33 -13.30
N ARG A 181 -11.84 -9.41 -13.19
CA ARG A 181 -12.00 -10.43 -14.22
C ARG A 181 -12.50 -11.78 -13.77
N GLU A 182 -13.05 -11.83 -12.57
CA GLU A 182 -13.52 -13.08 -12.01
C GLU A 182 -14.69 -12.77 -11.10
N PRO A 183 -15.59 -13.74 -10.91
CA PRO A 183 -16.71 -13.41 -10.03
C PRO A 183 -16.20 -13.01 -8.66
N PHE A 184 -16.76 -11.91 -8.15
CA PHE A 184 -16.35 -11.44 -6.84
C PHE A 184 -17.44 -10.54 -6.27
N ARG A 185 -17.52 -10.50 -4.95
CA ARG A 185 -18.54 -9.72 -4.30
C ARG A 185 -18.53 -8.26 -4.69
N ASN A 186 -17.35 -7.72 -5.00
CA ASN A 186 -17.21 -6.33 -5.43
C ASN A 186 -16.49 -6.39 -6.76
N GLN A 187 -17.20 -6.14 -7.85
CA GLN A 187 -16.58 -6.21 -9.16
C GLN A 187 -16.26 -4.84 -9.67
N GLY A 188 -15.28 -4.76 -10.55
CA GLY A 188 -14.99 -3.49 -11.17
C GLY A 188 -13.76 -2.73 -10.77
N ARG A 189 -13.53 -1.64 -11.51
CA ARG A 189 -12.43 -0.75 -11.25
C ARG A 189 -12.95 0.29 -10.28
N GLN A 190 -12.10 0.74 -9.37
CA GLN A 190 -12.53 1.71 -8.39
C GLN A 190 -12.83 3.07 -9.03
N THR A 191 -12.17 3.37 -10.14
CA THR A 191 -12.41 4.61 -10.84
C THR A 191 -13.89 4.64 -11.24
N ASP A 192 -14.35 3.62 -11.95
CA ASP A 192 -15.75 3.55 -12.36
C ASP A 192 -16.71 3.57 -11.18
N LEU A 193 -16.41 2.78 -10.15
CA LEU A 193 -17.29 2.69 -8.99
C LEU A 193 -17.36 3.98 -8.22
N MET A 194 -16.28 4.75 -8.23
CA MET A 194 -16.32 6.00 -7.52
C MET A 194 -17.11 7.00 -8.36
N ARG A 195 -16.88 7.00 -9.67
CA ARG A 195 -17.59 7.95 -10.53
C ARG A 195 -19.09 7.74 -10.43
N SER A 196 -19.52 6.48 -10.37
CA SER A 196 -20.94 6.18 -10.28
C SER A 196 -21.47 6.37 -8.87
N GLY A 197 -20.56 6.47 -7.91
CA GLY A 197 -20.98 6.59 -6.53
C GLY A 197 -21.25 5.23 -5.90
N LYS A 198 -21.16 4.17 -6.70
CA LYS A 198 -21.41 2.81 -6.20
C LYS A 198 -20.43 2.40 -5.09
N LEU A 199 -19.17 2.77 -5.24
CA LEU A 199 -18.19 2.39 -4.22
C LEU A 199 -18.61 2.91 -2.84
N PHE A 200 -19.01 4.17 -2.77
CA PHE A 200 -19.41 4.76 -1.51
C PHE A 200 -20.71 4.16 -0.99
N GLU A 201 -21.62 3.84 -1.90
CA GLU A 201 -22.88 3.26 -1.48
C GLU A 201 -22.54 1.89 -0.91
N ASP A 202 -21.71 1.13 -1.63
CA ASP A 202 -21.29 -0.18 -1.15
C ASP A 202 -20.68 -0.14 0.25
N ILE A 203 -19.86 0.86 0.54
CA ILE A 203 -19.24 0.89 1.84
C ILE A 203 -20.02 1.69 2.88
N GLY A 204 -21.18 2.18 2.48
CA GLY A 204 -22.00 2.93 3.43
C GLY A 204 -21.47 4.29 3.78
N LEU A 205 -20.74 4.92 2.87
CA LEU A 205 -20.23 6.24 3.15
C LEU A 205 -20.78 7.21 2.13
N PRO A 206 -20.84 8.50 2.51
CA PRO A 206 -21.36 9.48 1.56
C PRO A 206 -20.35 9.66 0.43
N PRO A 207 -20.78 10.26 -0.68
CA PRO A 207 -19.83 10.46 -1.76
C PRO A 207 -18.73 11.37 -1.22
N MET A 208 -17.58 11.35 -1.88
CA MET A 208 -16.50 12.17 -1.40
C MET A 208 -16.67 13.66 -1.63
N ASN A 209 -16.15 14.45 -0.68
CA ASN A 209 -16.13 15.88 -0.84
C ASN A 209 -14.76 16.33 -0.34
N PRO A 210 -14.29 17.50 -0.82
CA PRO A 210 -12.98 18.05 -0.46
C PRO A 210 -12.80 18.35 1.01
N GLN A 211 -13.89 18.53 1.73
CA GLN A 211 -13.75 18.85 3.15
C GLN A 211 -13.52 17.64 4.04
N ASP A 212 -14.21 16.55 3.75
CA ASP A 212 -14.13 15.37 4.59
C ASP A 212 -13.20 14.26 4.17
N ASP A 213 -13.04 14.12 2.86
CA ASP A 213 -12.29 13.01 2.32
C ASP A 213 -10.89 13.26 1.83
N ARG A 214 -10.00 12.39 2.29
CA ARG A 214 -8.60 12.40 1.91
C ARG A 214 -8.36 11.06 1.30
N ALA A 215 -7.30 10.95 0.49
CA ALA A 215 -7.00 9.68 -0.10
C ALA A 215 -5.53 9.56 -0.39
N MET A 216 -5.09 8.33 -0.52
CA MET A 216 -3.73 8.07 -0.92
C MET A 216 -4.04 7.14 -2.05
N ILE A 217 -3.42 7.38 -3.20
CA ILE A 217 -3.66 6.52 -4.34
C ILE A 217 -2.34 5.85 -4.65
N CYS A 218 -2.36 4.52 -4.75
CA CYS A 218 -1.12 3.82 -5.07
C CYS A 218 -1.51 2.68 -5.98
N GLY A 219 -1.10 2.78 -7.23
CA GLY A 219 -1.46 1.72 -8.15
C GLY A 219 -0.75 1.93 -9.46
N SER A 220 -1.21 1.22 -10.48
CA SER A 220 -0.57 1.34 -11.77
C SER A 220 -0.66 2.75 -12.27
N PRO A 221 0.32 3.17 -13.08
CA PRO A 221 0.36 4.52 -13.64
C PRO A 221 -1.02 4.92 -14.23
N SER A 222 -1.60 4.00 -14.98
CA SER A 222 -2.89 4.23 -15.61
C SER A 222 -3.95 4.52 -14.53
N MET A 223 -4.06 3.62 -13.56
CA MET A 223 -5.02 3.78 -12.48
C MET A 223 -4.76 5.05 -11.69
N LEU A 224 -3.49 5.33 -11.46
CA LEU A 224 -3.09 6.49 -10.69
C LEU A 224 -3.61 7.78 -11.33
N GLU A 225 -3.36 7.90 -12.63
CA GLU A 225 -3.79 9.08 -13.36
C GLU A 225 -5.32 9.19 -13.39
N GLU A 226 -5.99 8.09 -13.68
CA GLU A 226 -7.44 8.14 -13.75
C GLU A 226 -8.12 8.33 -12.40
N THR A 227 -7.60 7.69 -11.37
CA THR A 227 -8.20 7.82 -10.04
C THR A 227 -7.98 9.25 -9.55
N SER A 228 -6.79 9.79 -9.81
CA SER A 228 -6.51 11.18 -9.41
C SER A 228 -7.55 12.07 -10.08
N ALA A 229 -7.82 11.83 -11.36
CA ALA A 229 -8.80 12.66 -12.06
C ALA A 229 -10.18 12.50 -11.42
N VAL A 230 -10.49 11.29 -10.97
CA VAL A 230 -11.79 11.04 -10.36
C VAL A 230 -11.88 11.85 -9.08
N LEU A 231 -10.82 11.82 -8.29
CA LEU A 231 -10.87 12.60 -7.06
C LEU A 231 -10.95 14.09 -7.39
N ASP A 232 -10.24 14.52 -8.45
CA ASP A 232 -10.30 15.92 -8.84
C ASP A 232 -11.73 16.27 -9.19
N SER A 233 -12.44 15.32 -9.79
CA SER A 233 -13.81 15.51 -10.20
C SER A 233 -14.72 15.77 -9.01
N PHE A 234 -14.30 15.32 -7.83
CA PHE A 234 -15.07 15.54 -6.60
C PHE A 234 -14.61 16.81 -5.90
N GLY A 235 -13.68 17.51 -6.52
CA GLY A 235 -13.16 18.74 -5.96
C GLY A 235 -11.97 18.58 -5.04
N LEU A 236 -11.42 17.38 -4.95
CA LEU A 236 -10.26 17.21 -4.09
C LEU A 236 -9.05 17.72 -4.83
N LYS A 237 -8.07 18.23 -4.08
CA LYS A 237 -6.85 18.73 -4.70
C LYS A 237 -5.68 17.99 -4.11
N ILE A 238 -4.86 17.45 -5.00
CA ILE A 238 -3.69 16.71 -4.62
C ILE A 238 -2.71 17.59 -3.85
N SER A 239 -1.91 16.99 -2.98
CA SER A 239 -0.91 17.75 -2.28
C SER A 239 0.01 18.15 -3.43
N PRO A 240 0.30 19.46 -3.57
CA PRO A 240 1.15 19.90 -4.67
C PRO A 240 2.60 19.48 -4.49
N ARG A 241 3.02 19.30 -3.25
CA ARG A 241 4.40 18.88 -3.02
C ARG A 241 4.59 18.44 -1.59
N MET A 242 5.61 17.62 -1.36
CA MET A 242 5.89 17.15 -0.03
C MET A 242 5.92 18.35 0.90
N GLY A 243 5.40 18.16 2.11
CA GLY A 243 5.39 19.24 3.07
C GLY A 243 4.22 20.19 2.87
N GLU A 244 3.55 20.05 1.74
CA GLU A 244 2.39 20.90 1.46
C GLU A 244 1.15 20.02 1.48
N PRO A 245 0.51 19.93 2.64
CA PRO A 245 -0.70 19.10 2.79
C PRO A 245 -1.75 19.37 1.72
N GLY A 246 -2.40 18.30 1.30
CA GLY A 246 -3.44 18.42 0.29
C GLY A 246 -4.54 17.45 0.66
N ASP A 247 -5.45 17.21 -0.29
CA ASP A 247 -6.56 16.30 -0.04
C ASP A 247 -6.18 14.89 -0.36
N TYR A 248 -5.25 14.72 -1.29
CA TYR A 248 -4.84 13.37 -1.60
C TYR A 248 -3.39 13.35 -2.04
N LEU A 249 -2.85 12.13 -2.06
CA LEU A 249 -1.46 11.89 -2.40
C LEU A 249 -1.44 10.73 -3.34
N ILE A 250 -0.43 10.65 -4.18
CA ILE A 250 -0.37 9.56 -5.10
C ILE A 250 1.06 9.09 -5.26
N GLU A 251 1.21 7.85 -5.67
CA GLU A 251 2.51 7.29 -5.91
C GLU A 251 2.29 6.08 -6.80
N ARG A 252 3.07 5.97 -7.87
CA ARG A 252 2.94 4.84 -8.75
C ARG A 252 3.38 3.58 -8.04
N ALA A 253 2.57 2.54 -8.15
CA ALA A 253 2.86 1.23 -7.57
C ALA A 253 4.00 0.61 -8.35
N PHE A 254 4.14 1.07 -9.59
CA PHE A 254 5.20 0.58 -10.47
C PHE A 254 5.23 1.44 -11.69
N VAL A 255 6.27 1.27 -12.49
CA VAL A 255 6.40 2.03 -13.71
C VAL A 255 6.69 1.04 -14.82
N GLU A 256 6.23 1.37 -16.02
CA GLU A 256 6.48 0.49 -17.15
C GLU A 256 7.91 0.72 -17.53
N LYS A 257 8.73 -0.32 -17.41
CA LYS A 257 10.15 -0.24 -17.75
C LYS A 257 10.32 -0.58 -19.24
PA NAP B . -3.87 -5.47 -13.34
O1A NAP B . -3.59 -5.29 -14.62
O2A NAP B . -4.55 -6.61 -13.26
O5B NAP B . -4.60 -4.20 -12.62
C5B NAP B . -5.12 -4.65 -11.34
C4B NAP B . -6.49 -3.96 -11.23
O4B NAP B . -6.28 -2.61 -11.68
C3B NAP B . -7.48 -4.63 -12.19
O3B NAP B . -8.66 -4.90 -11.40
C2B NAP B . -7.72 -3.56 -13.27
O2B NAP B . -9.00 -3.60 -13.93
C1B NAP B . -7.44 -2.27 -12.45
N9A NAP B . -7.17 -1.15 -13.33
C8A NAP B . -6.43 -1.12 -14.50
N7A NAP B . -6.45 0.07 -14.99
C5A NAP B . -7.19 0.86 -14.21
C6A NAP B . -7.58 2.22 -14.22
N6A NAP B . -7.17 3.04 -15.24
N1A NAP B . -8.38 2.70 -13.21
C2A NAP B . -8.79 1.91 -12.18
N3A NAP B . -8.46 0.63 -12.14
C4A NAP B . -7.66 0.07 -13.11
O3 NAP B . -2.44 -5.79 -12.50
PN NAP B . -1.49 -4.67 -12.47
O1N NAP B . -0.44 -4.92 -11.39
O2N NAP B . -1.91 -3.24 -11.99
O5D NAP B . -0.59 -4.67 -13.87
C5D NAP B . -0.33 -6.22 -14.11
C4D NAP B . 0.46 -5.96 -15.43
O4D NAP B . -0.40 -5.46 -16.52
C3D NAP B . 1.60 -4.93 -15.26
O3D NAP B . 2.80 -5.60 -14.90
C2D NAP B . 1.63 -4.22 -16.63
O2D NAP B . 2.46 -4.91 -17.57
C1D NAP B . 0.15 -4.22 -17.07
N1N NAP B . -0.60 -2.97 -16.61
C2N NAP B . -0.02 -1.72 -16.81
C3N NAP B . -0.67 -0.53 -16.41
C7N NAP B . -0.05 0.80 -16.62
O7N NAP B . -0.62 1.80 -16.27
N7N NAP B . 1.15 0.94 -17.21
C4N NAP B . -1.98 -0.66 -15.78
C5N NAP B . -2.56 -1.93 -15.57
C6N NAP B . -1.84 -3.08 -16.00
P2B NAP B . -9.01 -4.42 -15.37
O1X NAP B . -9.09 -5.84 -15.08
O2X NAP B . -10.25 -3.89 -16.13
O3X NAP B . -7.71 -4.13 -16.25
PA FAD C . 11.21 -4.39 -13.55
O1A FAD C . 11.14 -3.42 -12.61
O2A FAD C . 12.15 -4.16 -14.61
O5B FAD C . 9.73 -4.15 -14.05
C5B FAD C . 9.34 -5.10 -15.21
C4B FAD C . 7.89 -4.84 -15.62
O4B FAD C . 7.05 -5.36 -14.51
C3B FAD C . 7.38 -3.39 -15.75
O3B FAD C . 7.76 -2.70 -16.88
C2B FAD C . 5.88 -3.57 -15.56
O2B FAD C . 5.22 -3.99 -16.72
C1B FAD C . 5.79 -4.59 -14.46
N9A FAD C . 6.02 -4.34 -12.95
C8A FAD C . 7.04 -3.99 -12.06
N7A FAD C . 6.64 -3.91 -10.82
C5A FAD C . 5.29 -4.23 -10.86
C6A FAD C . 4.33 -4.31 -9.83
N6A FAD C . 4.61 -4.07 -8.54
N1A FAD C . 3.02 -4.66 -10.20
C2A FAD C . 2.70 -4.90 -11.52
N3A FAD C . 3.60 -4.84 -12.55
C4A FAD C . 4.88 -4.50 -12.19
N1 FAD C . 6.83 -3.47 -6.62
C2 FAD C . 6.40 -4.43 -5.76
O2 FAD C . 6.29 -5.58 -6.13
N3 FAD C . 6.09 -4.04 -4.44
C4 FAD C . 6.18 -2.73 -3.97
O4 FAD C . 5.88 -2.45 -2.77
C4X FAD C . 6.62 -1.75 -4.87
N5 FAD C . 6.73 -0.41 -4.51
C5X FAD C . 7.14 0.57 -5.43
C6 FAD C . 7.21 1.91 -5.06
C7 FAD C . 7.61 2.93 -5.97
C7M FAD C . 7.65 4.36 -5.49
C8 FAD C . 7.96 2.53 -7.35
C8M FAD C . 8.39 3.52 -8.41
C9 FAD C . 7.90 1.17 -7.74
C9A FAD C . 7.49 0.15 -6.81
N10 FAD C . 7.37 -1.27 -7.12
C10 FAD C . 6.95 -2.17 -6.20
C1' FAD C . 8.00 -1.76 -8.40
C2' FAD C . 9.40 -2.26 -8.14
O2' FAD C . 10.23 -1.12 -7.92
C3' FAD C . 9.99 -3.11 -9.25
O3' FAD C . 9.53 -2.65 -10.51
C4' FAD C . 9.60 -4.60 -8.94
O4' FAD C . 10.13 -4.93 -7.78
C5' FAD C . 9.90 -5.46 -10.27
O5' FAD C . 11.44 -5.38 -10.58
P FAD C . 11.88 -6.16 -11.59
O1P FAD C . 13.27 -5.75 -11.52
O2P FAD C . 11.63 -7.44 -11.34
O3P FAD C . 11.08 -5.82 -12.91
#